data_5SL3
#
_entry.id   5SL3
#
_cell.length_a   67.660
_cell.length_b   68.344
_cell.length_c   138.490
_cell.angle_alpha   90.000
_cell.angle_beta   90.000
_cell.angle_gamma   90.000
#
_symmetry.space_group_name_H-M   'P 21 21 21'
#
loop_
_entity.id
_entity.type
_entity.pdbx_description
1 polymer 'Proofreading exoribonuclease nsp14'
2 non-polymer 'ZINC ION'
3 non-polymer 'PHOSPHATE ION'
4 non-polymer '2-[acetyl(methyl)amino]benzoic acid'
5 water water
#
_entity_poly.entity_id   1
_entity_poly.type   'polypeptide(L)'
_entity_poly.pdbx_seq_one_letter_code
;SMLFKDCSKVITGLHPTQAPTHLSVDTKFKTEGLCVDIPGIPKDMTYRRLISMMGFKMNYQVNGYPNMFITREEAIRHVR
AWIGFDVEGCHATREAVGTNLPLQLGFSTGVNLVAVPTGYVDTPNNTDFSRVSAKPPPGDQFKHLIPLMYKGLPWNVVRI
KIVQMLSDTLKNLSDRVVFVLWAHGFELTSMKYFVKIGPERTCCLCDRRATCFSTASDTYACWHHSIGFDYVYNPFMIDV
QQWGFTGNLQSNHDLYCQVHGNAHVASCDAIMTRCLAVHECFVKRVDWTIEYPIIGDELKINAACRKVQHMVVKAALLAD
KFPVLHDIGNPKAIKCVPQADVEWKFYDAQPCSDKAYKIEELFYSYATHSDKFTDGVCLFWNCNVDRYPANSIVCRFDTR
VLSNLNLPGCDGGSLYVNKHAFHTPAFDKSAFVNLKQLPFFYYSDSPCESHGKQVVSDIDYVPLKSATCITRCNLGGAVC
RHHANEYRLYLDAYNMMISAGFSLWVYKQFDTYNLWNTFTRLQ
;
_entity_poly.pdbx_strand_id   D
#
loop_
_chem_comp.id
_chem_comp.type
_chem_comp.name
_chem_comp.formula
LGR non-polymer '2-[acetyl(methyl)amino]benzoic acid' 'C10 H11 N O3'
PO4 non-polymer 'PHOSPHATE ION' 'O4 P -3'
ZN non-polymer 'ZINC ION' 'Zn 2'
#
# COMPACT_ATOMS: atom_id res chain seq x y z
N PRO A 20 9.84 14.82 -22.07
CA PRO A 20 8.73 13.86 -22.16
C PRO A 20 8.14 13.55 -20.78
N THR A 21 7.24 14.43 -20.31
CA THR A 21 6.60 14.23 -19.02
C THR A 21 5.33 13.37 -19.18
N HIS A 22 4.49 13.70 -20.18
CA HIS A 22 3.26 12.95 -20.44
C HIS A 22 3.39 11.98 -21.62
N LEU A 23 2.41 11.08 -21.82
CA LEU A 23 2.43 10.13 -22.93
C LEU A 23 1.90 10.80 -24.20
N SER A 24 2.73 10.89 -25.26
CA SER A 24 2.29 11.54 -26.51
C SER A 24 1.08 10.84 -27.10
N VAL A 25 0.05 11.61 -27.51
CA VAL A 25 -1.09 10.99 -28.19
C VAL A 25 -0.68 10.35 -29.51
N ASP A 26 0.46 10.81 -30.12
CA ASP A 26 0.95 10.23 -31.37
C ASP A 26 1.79 8.95 -31.15
N THR A 27 1.88 8.42 -29.90
CA THR A 27 2.58 7.16 -29.63
C THR A 27 1.70 6.02 -30.20
N LYS A 28 2.34 4.98 -30.72
CA LYS A 28 1.61 3.86 -31.29
C LYS A 28 1.04 2.98 -30.17
N PHE A 29 -0.14 2.44 -30.45
CA PHE A 29 -0.89 1.56 -29.58
C PHE A 29 -1.04 0.25 -30.33
N LYS A 30 -0.60 -0.87 -29.73
CA LYS A 30 -0.72 -2.19 -30.37
C LYS A 30 -2.17 -2.63 -30.20
N THR A 31 -2.84 -2.97 -31.30
CA THR A 31 -4.26 -3.28 -31.32
C THR A 31 -4.62 -4.75 -31.41
N GLU A 32 -3.62 -5.65 -31.43
CA GLU A 32 -3.86 -7.09 -31.55
C GLU A 32 -4.78 -7.66 -30.44
N GLY A 33 -4.60 -7.21 -29.22
CA GLY A 33 -5.44 -7.61 -28.09
C GLY A 33 -6.88 -7.10 -28.17
N LEU A 34 -7.15 -6.11 -29.05
CA LEU A 34 -8.46 -5.51 -29.24
C LEU A 34 -9.26 -6.12 -30.42
N CYS A 35 -8.64 -6.96 -31.26
CA CYS A 35 -9.28 -7.37 -32.52
C CYS A 35 -10.36 -8.49 -32.43
N VAL A 36 -10.56 -9.14 -31.28
CA VAL A 36 -11.63 -10.14 -31.16
C VAL A 36 -12.95 -9.40 -30.92
N ASP A 37 -12.94 -8.42 -29.99
CA ASP A 37 -14.10 -7.56 -29.75
C ASP A 37 -14.27 -6.53 -30.88
N ILE A 38 -13.17 -6.09 -31.49
CA ILE A 38 -13.18 -5.10 -32.59
C ILE A 38 -12.53 -5.68 -33.86
N PRO A 39 -13.27 -6.53 -34.60
CA PRO A 39 -12.71 -7.10 -35.83
C PRO A 39 -12.49 -6.06 -36.92
N GLY A 40 -11.35 -6.15 -37.57
CA GLY A 40 -10.98 -5.22 -38.63
C GLY A 40 -10.20 -4.02 -38.11
N ILE A 41 -9.94 -3.95 -36.79
CA ILE A 41 -9.19 -2.82 -36.21
C ILE A 41 -7.82 -2.65 -36.90
N PRO A 42 -7.48 -1.40 -37.28
CA PRO A 42 -6.20 -1.17 -37.96
C PRO A 42 -5.03 -1.52 -37.09
N LYS A 43 -4.02 -2.15 -37.68
CA LYS A 43 -2.79 -2.51 -36.97
C LYS A 43 -2.00 -1.24 -36.59
N ASP A 44 -2.06 -0.23 -37.45
CA ASP A 44 -1.43 1.06 -37.28
C ASP A 44 -2.44 1.92 -36.56
N MET A 45 -2.14 2.26 -35.29
CA MET A 45 -3.03 3.01 -34.42
C MET A 45 -2.24 3.89 -33.45
N THR A 46 -2.68 5.13 -33.23
CA THR A 46 -2.07 6.01 -32.21
C THR A 46 -3.07 6.18 -31.05
N TYR A 47 -2.64 6.77 -29.92
CA TYR A 47 -3.56 7.08 -28.85
C TYR A 47 -4.60 8.11 -29.35
N ARG A 48 -4.17 9.08 -30.18
CA ARG A 48 -5.01 10.11 -30.80
C ARG A 48 -6.20 9.49 -31.53
N ARG A 49 -5.95 8.45 -32.34
CA ARG A 49 -6.99 7.77 -33.11
C ARG A 49 -7.84 6.86 -32.24
N LEU A 50 -7.23 6.19 -31.27
CA LEU A 50 -7.94 5.31 -30.34
C LEU A 50 -8.93 6.12 -29.49
N ILE A 51 -8.50 7.26 -28.94
CA ILE A 51 -9.39 8.11 -28.12
C ILE A 51 -10.61 8.57 -28.95
N SER A 52 -10.38 8.89 -30.22
CA SER A 52 -11.44 9.26 -31.15
C SER A 52 -12.39 8.07 -31.43
N MET A 53 -11.87 6.87 -31.61
CA MET A 53 -12.65 5.64 -31.81
C MET A 53 -13.50 5.36 -30.54
N MET A 54 -12.96 5.68 -29.36
CA MET A 54 -13.70 5.53 -28.11
C MET A 54 -14.85 6.55 -27.95
N GLY A 55 -15.04 7.45 -28.92
CA GLY A 55 -16.11 8.44 -28.90
C GLY A 55 -15.80 9.74 -28.19
N PHE A 56 -14.52 10.03 -27.93
CA PHE A 56 -14.14 11.26 -27.23
C PHE A 56 -13.44 12.26 -28.15
N LYS A 57 -13.72 13.56 -27.99
CA LYS A 57 -13.06 14.59 -28.81
C LYS A 57 -12.13 15.41 -27.91
N MET A 58 -10.83 15.48 -28.23
CA MET A 58 -9.88 16.21 -27.40
C MET A 58 -9.72 17.72 -27.80
N ASN A 59 -10.15 18.08 -29.03
CA ASN A 59 -10.19 19.45 -29.58
C ASN A 59 -8.89 20.31 -29.53
N TYR A 60 -7.68 19.70 -29.50
CA TYR A 60 -6.38 20.40 -29.39
C TYR A 60 -6.39 21.29 -28.13
N GLN A 61 -6.67 20.68 -26.98
CA GLN A 61 -6.77 21.41 -25.72
C GLN A 61 -5.46 21.35 -24.88
N VAL A 62 -4.86 22.53 -24.61
CA VAL A 62 -3.69 22.64 -23.75
C VAL A 62 -4.15 23.07 -22.36
N ASN A 63 -4.94 22.22 -21.70
CA ASN A 63 -5.48 22.56 -20.40
C ASN A 63 -5.27 21.44 -19.37
N GLY A 64 -4.02 20.99 -19.23
CA GLY A 64 -3.61 19.99 -18.25
C GLY A 64 -4.01 18.54 -18.46
N TYR A 65 -4.80 18.22 -19.49
CA TYR A 65 -5.22 16.84 -19.75
C TYR A 65 -4.78 16.47 -21.18
N PRO A 66 -3.48 16.19 -21.41
CA PRO A 66 -3.03 15.97 -22.80
C PRO A 66 -3.39 14.62 -23.40
N ASN A 67 -3.70 13.64 -22.58
CA ASN A 67 -4.03 12.27 -23.01
C ASN A 67 -4.78 11.55 -21.87
N MET A 68 -5.81 10.73 -22.20
CA MET A 68 -6.52 9.90 -21.23
C MET A 68 -5.57 8.76 -20.70
N PHE A 69 -4.63 8.32 -21.55
CA PHE A 69 -3.64 7.30 -21.28
C PHE A 69 -2.37 7.92 -20.72
N ILE A 70 -1.71 7.20 -19.82
CA ILE A 70 -0.50 7.69 -19.18
C ILE A 70 0.64 6.68 -19.31
N THR A 71 1.89 7.14 -19.05
CA THR A 71 3.07 6.29 -19.07
C THR A 71 3.10 5.38 -17.83
N ARG A 72 3.94 4.33 -17.86
CA ARG A 72 4.19 3.42 -16.76
C ARG A 72 4.76 4.24 -15.58
N GLU A 73 5.67 5.20 -15.85
CA GLU A 73 6.26 6.05 -14.81
C GLU A 73 5.20 6.94 -14.13
N GLU A 74 4.27 7.53 -14.92
CA GLU A 74 3.19 8.33 -14.34
C GLU A 74 2.25 7.40 -13.55
N ALA A 75 2.00 6.18 -14.05
CA ALA A 75 1.17 5.21 -13.34
C ALA A 75 1.78 4.82 -11.97
N ILE A 76 3.11 4.58 -11.92
CA ILE A 76 3.78 4.24 -10.67
C ILE A 76 3.66 5.38 -9.65
N ARG A 77 3.84 6.63 -10.12
CA ARG A 77 3.68 7.78 -9.22
C ARG A 77 2.25 7.90 -8.66
N HIS A 78 1.26 7.34 -9.36
CA HIS A 78 -0.12 7.44 -8.96
C HIS A 78 -0.74 6.08 -8.65
N VAL A 79 0.07 5.14 -8.12
CA VAL A 79 -0.37 3.80 -7.75
C VAL A 79 -1.60 3.79 -6.81
N ARG A 80 -1.74 4.77 -5.90
CA ARG A 80 -2.90 4.83 -5.01
C ARG A 80 -4.23 5.02 -5.75
N ALA A 81 -4.17 5.55 -6.99
CA ALA A 81 -5.34 5.77 -7.84
C ALA A 81 -5.71 4.52 -8.66
N TRP A 82 -4.89 3.44 -8.63
CA TRP A 82 -5.14 2.28 -9.48
C TRP A 82 -6.38 1.55 -9.11
N ILE A 83 -7.22 1.33 -10.12
CA ILE A 83 -8.46 0.57 -10.07
C ILE A 83 -8.47 -0.26 -11.31
N GLY A 84 -8.36 -1.56 -11.15
CA GLY A 84 -8.48 -2.50 -12.24
C GLY A 84 -9.88 -2.45 -12.79
N PHE A 85 -9.99 -2.49 -14.11
CA PHE A 85 -11.28 -2.39 -14.76
C PHE A 85 -11.33 -3.35 -15.93
N ASP A 86 -12.40 -4.14 -15.99
CA ASP A 86 -12.60 -5.10 -17.06
C ASP A 86 -14.07 -5.14 -17.44
N VAL A 87 -14.36 -5.31 -18.74
CA VAL A 87 -15.74 -5.44 -19.21
C VAL A 87 -15.86 -6.74 -19.97
N GLU A 88 -16.84 -7.56 -19.61
CA GLU A 88 -17.09 -8.83 -20.28
C GLU A 88 -18.51 -8.83 -20.84
N GLY A 89 -18.66 -9.16 -22.11
CA GLY A 89 -19.98 -9.24 -22.71
C GLY A 89 -20.78 -10.39 -22.10
N CYS A 90 -21.95 -10.08 -21.53
CA CYS A 90 -22.82 -11.11 -20.93
C CYS A 90 -23.48 -11.95 -22.03
N HIS A 91 -23.80 -11.33 -23.18
CA HIS A 91 -24.42 -12.04 -24.29
C HIS A 91 -23.54 -11.93 -25.55
N GLY A 98 -22.05 -4.86 -27.18
CA GLY A 98 -22.03 -4.20 -28.48
C GLY A 98 -23.35 -3.57 -28.86
N THR A 99 -23.89 -2.68 -27.95
CA THR A 99 -25.16 -1.93 -28.06
C THR A 99 -26.41 -2.84 -28.00
N ASN A 100 -26.25 -4.12 -28.33
CA ASN A 100 -27.34 -5.10 -28.35
C ASN A 100 -27.31 -6.00 -27.12
N LEU A 101 -26.12 -6.25 -26.55
CA LEU A 101 -25.97 -7.17 -25.42
C LEU A 101 -25.62 -6.48 -24.10
N PRO A 102 -26.01 -7.09 -22.98
CA PRO A 102 -25.63 -6.52 -21.67
C PRO A 102 -24.14 -6.72 -21.37
N LEU A 103 -23.54 -5.78 -20.66
CA LEU A 103 -22.12 -5.83 -20.32
C LEU A 103 -21.93 -6.00 -18.83
N GLN A 104 -20.95 -6.80 -18.43
CA GLN A 104 -20.60 -6.97 -17.03
C GLN A 104 -19.35 -6.14 -16.79
N LEU A 105 -19.47 -5.15 -15.94
CA LEU A 105 -18.41 -4.21 -15.61
C LEU A 105 -17.81 -4.69 -14.32
N GLY A 106 -16.52 -4.99 -14.33
CA GLY A 106 -15.84 -5.46 -13.13
C GLY A 106 -14.74 -4.53 -12.72
N PHE A 107 -14.61 -4.32 -11.41
CA PHE A 107 -13.64 -3.42 -10.78
C PHE A 107 -12.78 -4.17 -9.74
N SER A 108 -11.53 -3.73 -9.53
CA SER A 108 -10.67 -4.40 -8.56
C SER A 108 -11.16 -4.22 -7.08
N THR A 109 -12.22 -3.45 -6.86
CA THR A 109 -12.87 -3.37 -5.56
C THR A 109 -13.73 -4.66 -5.31
N GLY A 110 -13.84 -5.55 -6.31
CA GLY A 110 -14.65 -6.76 -6.25
C GLY A 110 -16.07 -6.57 -6.75
N VAL A 111 -16.43 -5.35 -7.19
CA VAL A 111 -17.76 -5.04 -7.67
C VAL A 111 -17.99 -5.43 -9.13
N ASN A 112 -19.16 -6.04 -9.43
CA ASN A 112 -19.60 -6.38 -10.78
C ASN A 112 -20.97 -5.75 -11.01
N LEU A 113 -21.05 -4.82 -11.96
CA LEU A 113 -22.30 -4.15 -12.32
C LEU A 113 -22.71 -4.63 -13.72
N VAL A 114 -23.98 -4.98 -13.93
CA VAL A 114 -24.45 -5.33 -15.28
C VAL A 114 -25.18 -4.13 -15.85
N ALA A 115 -24.69 -3.62 -17.01
CA ALA A 115 -25.27 -2.50 -17.73
C ALA A 115 -26.02 -3.05 -18.95
N VAL A 116 -27.30 -2.73 -19.05
CA VAL A 116 -28.14 -3.11 -20.19
C VAL A 116 -28.33 -1.87 -21.07
N PRO A 117 -28.27 -2.06 -22.39
CA PRO A 117 -28.39 -0.90 -23.29
C PRO A 117 -29.82 -0.45 -23.62
N THR A 118 -30.84 -1.10 -23.01
CA THR A 118 -32.28 -0.85 -23.20
C THR A 118 -32.67 0.57 -23.64
N PRO A 147 -16.54 -10.03 -5.35
CA PRO A 147 -17.54 -11.01 -5.80
C PRO A 147 -18.98 -10.49 -5.69
N LEU A 148 -19.18 -9.17 -5.65
CA LEU A 148 -20.52 -8.60 -5.52
C LEU A 148 -21.20 -8.45 -6.88
N MET A 149 -22.14 -9.36 -7.20
CA MET A 149 -22.88 -9.40 -8.47
C MET A 149 -24.18 -8.60 -8.40
N TYR A 150 -24.33 -7.59 -9.29
CA TYR A 150 -25.53 -6.75 -9.34
C TYR A 150 -26.31 -7.00 -10.63
N LYS A 151 -27.64 -7.16 -10.54
CA LYS A 151 -28.52 -7.41 -11.70
C LYS A 151 -28.51 -6.25 -12.71
N GLY A 152 -28.79 -6.58 -13.98
CA GLY A 152 -28.80 -5.66 -15.11
C GLY A 152 -29.63 -4.41 -14.97
N LEU A 153 -29.01 -3.23 -15.23
CA LEU A 153 -29.65 -1.93 -15.09
C LEU A 153 -29.16 -0.98 -16.19
N PRO A 154 -29.97 0.03 -16.58
CA PRO A 154 -29.53 0.96 -17.62
C PRO A 154 -28.36 1.83 -17.18
N TRP A 155 -27.58 2.29 -18.16
CA TRP A 155 -26.40 3.12 -17.93
C TRP A 155 -26.63 4.37 -17.10
N ASN A 156 -27.83 4.99 -17.19
CA ASN A 156 -28.09 6.20 -16.42
C ASN A 156 -28.02 5.94 -14.92
N VAL A 157 -28.35 4.71 -14.45
CA VAL A 157 -28.23 4.42 -13.02
C VAL A 157 -26.87 3.77 -12.70
N VAL A 158 -26.32 2.98 -13.62
CA VAL A 158 -25.00 2.33 -13.47
C VAL A 158 -23.90 3.39 -13.19
N ARG A 159 -23.92 4.48 -13.98
CA ARG A 159 -22.93 5.55 -13.86
C ARG A 159 -22.94 6.24 -12.50
N ILE A 160 -24.13 6.37 -11.86
CA ILE A 160 -24.26 6.93 -10.50
C ILE A 160 -23.53 6.03 -9.50
N LYS A 161 -23.70 4.71 -9.65
CA LYS A 161 -23.07 3.72 -8.79
C LYS A 161 -21.54 3.77 -8.95
N ILE A 162 -21.03 3.92 -10.21
CA ILE A 162 -19.61 4.01 -10.53
C ILE A 162 -18.96 5.19 -9.81
N VAL A 163 -19.58 6.35 -9.88
CA VAL A 163 -19.10 7.55 -9.20
C VAL A 163 -19.08 7.36 -7.67
N GLN A 164 -20.17 6.84 -7.05
CA GLN A 164 -20.19 6.58 -5.60
C GLN A 164 -19.03 5.64 -5.20
N MET A 165 -18.86 4.53 -5.93
CA MET A 165 -17.85 3.50 -5.62
C MET A 165 -16.42 4.01 -5.69
N LEU A 166 -16.08 4.75 -6.78
CA LEU A 166 -14.74 5.30 -6.94
C LEU A 166 -14.47 6.41 -5.92
N SER A 167 -15.48 7.23 -5.63
CA SER A 167 -15.35 8.30 -4.67
C SER A 167 -15.06 7.74 -3.27
N ASP A 168 -15.77 6.68 -2.86
CA ASP A 168 -15.56 6.10 -1.54
C ASP A 168 -14.24 5.36 -1.46
N THR A 169 -13.85 4.67 -2.53
CA THR A 169 -12.61 3.92 -2.53
C THR A 169 -11.41 4.85 -2.54
N LEU A 170 -11.48 5.94 -3.31
CA LEU A 170 -10.34 6.81 -3.57
C LEU A 170 -10.22 8.12 -2.79
N LYS A 171 -11.29 8.66 -2.17
CA LYS A 171 -11.19 9.98 -1.54
C LYS A 171 -10.01 10.16 -0.57
N ASN A 172 -9.67 9.14 0.21
CA ASN A 172 -8.56 9.23 1.15
C ASN A 172 -7.24 8.67 0.61
N LEU A 173 -7.17 8.33 -0.70
CA LEU A 173 -5.98 7.77 -1.28
C LEU A 173 -5.33 8.67 -2.29
N SER A 174 -6.14 9.27 -3.17
CA SER A 174 -5.60 9.98 -4.31
C SER A 174 -6.49 11.12 -4.82
N ASP A 175 -5.92 11.98 -5.66
CA ASP A 175 -6.65 13.06 -6.31
C ASP A 175 -7.21 12.65 -7.69
N ARG A 176 -7.13 11.36 -8.07
CA ARG A 176 -7.58 10.91 -9.38
C ARG A 176 -7.89 9.39 -9.39
N VAL A 177 -8.26 8.85 -10.56
CA VAL A 177 -8.44 7.42 -10.81
C VAL A 177 -7.56 7.05 -11.99
N VAL A 178 -6.90 5.88 -11.92
CA VAL A 178 -6.15 5.29 -13.01
C VAL A 178 -6.80 3.94 -13.28
N PHE A 179 -7.53 3.82 -14.40
CA PHE A 179 -8.14 2.53 -14.77
C PHE A 179 -7.03 1.66 -15.36
N VAL A 180 -6.74 0.56 -14.69
CA VAL A 180 -5.70 -0.38 -15.07
C VAL A 180 -6.40 -1.47 -15.89
N LEU A 181 -6.03 -1.54 -17.18
CA LEU A 181 -6.68 -2.43 -18.12
C LEU A 181 -5.76 -3.52 -18.68
N TRP A 182 -6.37 -4.64 -19.12
CA TRP A 182 -5.78 -5.68 -19.96
C TRP A 182 -6.79 -5.61 -21.15
N ALA A 183 -6.66 -4.56 -21.94
CA ALA A 183 -7.63 -4.14 -22.94
C ALA A 183 -7.92 -5.13 -24.07
N HIS A 184 -9.21 -5.47 -24.21
CA HIS A 184 -9.68 -6.31 -25.31
C HIS A 184 -10.72 -5.61 -26.21
N GLY A 185 -11.26 -4.47 -25.78
CA GLY A 185 -12.17 -3.69 -26.61
C GLY A 185 -13.40 -3.13 -25.91
N PHE A 186 -14.26 -4.02 -25.37
CA PHE A 186 -15.51 -3.62 -24.71
C PHE A 186 -15.31 -2.62 -23.55
N GLU A 187 -14.17 -2.66 -22.85
CA GLU A 187 -13.94 -1.73 -21.75
C GLU A 187 -13.66 -0.32 -22.26
N LEU A 188 -12.94 -0.19 -23.36
CA LEU A 188 -12.60 1.08 -23.97
C LEU A 188 -13.85 1.72 -24.58
N THR A 189 -14.68 0.93 -25.26
CA THR A 189 -15.89 1.43 -25.89
C THR A 189 -17.05 1.65 -24.90
N SER A 190 -16.96 1.12 -23.67
CA SER A 190 -17.99 1.39 -22.67
C SER A 190 -17.72 2.71 -21.93
N MET A 191 -16.49 3.24 -21.99
CA MET A 191 -16.12 4.44 -21.28
C MET A 191 -16.98 5.67 -21.60
N LYS A 192 -17.41 5.82 -22.85
CA LYS A 192 -18.26 6.93 -23.25
C LYS A 192 -19.59 7.00 -22.49
N TYR A 193 -20.02 5.89 -21.88
CA TYR A 193 -21.27 5.83 -21.15
C TYR A 193 -21.17 6.27 -19.69
N PHE A 194 -19.96 6.54 -19.18
CA PHE A 194 -19.81 6.97 -17.79
C PHE A 194 -18.70 7.99 -17.58
N VAL A 195 -17.96 8.35 -18.64
CA VAL A 195 -16.83 9.27 -18.58
C VAL A 195 -17.07 10.54 -19.42
N LYS A 196 -16.74 11.72 -18.86
CA LYS A 196 -16.72 13.00 -19.57
C LYS A 196 -15.28 13.52 -19.44
N ILE A 197 -14.77 14.11 -20.50
CA ILE A 197 -13.42 14.69 -20.49
C ILE A 197 -13.47 16.19 -20.87
N GLY A 198 -12.40 16.90 -20.55
CA GLY A 198 -12.29 18.30 -20.88
C GLY A 198 -11.06 18.91 -20.23
N PRO A 199 -11.09 20.23 -20.03
CA PRO A 199 -9.97 20.88 -19.35
C PRO A 199 -9.89 20.47 -17.89
N GLU A 200 -8.70 20.62 -17.28
CA GLU A 200 -8.53 20.36 -15.86
C GLU A 200 -9.34 21.42 -15.10
N ARG A 201 -10.12 20.97 -14.11
CA ARG A 201 -10.98 21.87 -13.35
C ARG A 201 -10.80 21.68 -11.87
N THR A 202 -11.33 22.61 -11.07
CA THR A 202 -11.28 22.45 -9.63
C THR A 202 -12.69 22.10 -9.13
N CYS A 203 -12.77 21.57 -7.92
CA CYS A 203 -14.03 21.20 -7.30
C CYS A 203 -14.89 22.45 -7.04
N CYS A 204 -16.23 22.31 -7.12
CA CYS A 204 -17.12 23.43 -6.87
C CYS A 204 -17.13 23.81 -5.37
N LEU A 205 -16.88 22.83 -4.48
CA LEU A 205 -16.87 23.03 -3.03
C LEU A 205 -15.47 23.12 -2.39
N CYS A 206 -14.37 22.92 -3.13
CA CYS A 206 -13.03 22.99 -2.55
C CYS A 206 -11.90 23.23 -3.64
N ASP A 207 -10.62 23.26 -3.21
CA ASP A 207 -9.47 23.54 -4.08
C ASP A 207 -8.92 22.32 -4.82
N ARG A 208 -9.38 21.10 -4.48
CA ARG A 208 -8.88 19.89 -5.16
C ARG A 208 -9.28 19.84 -6.65
N ARG A 209 -8.57 19.04 -7.48
CA ARG A 209 -8.96 18.91 -8.89
C ARG A 209 -10.29 18.12 -8.99
N ALA A 210 -11.07 18.42 -10.02
CA ALA A 210 -12.35 17.79 -10.29
C ALA A 210 -12.12 16.35 -10.78
N THR A 211 -12.84 15.40 -10.20
CA THR A 211 -12.79 14.01 -10.64
C THR A 211 -14.15 13.47 -11.13
N CYS A 212 -15.22 14.25 -10.95
CA CYS A 212 -16.61 13.91 -11.25
C CYS A 212 -17.34 15.12 -11.88
N PHE A 213 -18.41 14.85 -12.63
CA PHE A 213 -19.26 15.85 -13.22
C PHE A 213 -20.72 15.46 -12.95
N SER A 214 -21.59 16.47 -12.74
CA SER A 214 -23.00 16.21 -12.58
C SER A 214 -23.80 16.87 -13.70
N THR A 215 -24.57 16.07 -14.49
CA THR A 215 -25.45 16.63 -15.53
C THR A 215 -26.68 17.31 -14.91
N ALA A 216 -27.08 16.91 -13.70
CA ALA A 216 -28.22 17.48 -13.00
C ALA A 216 -27.94 18.94 -12.63
N SER A 217 -26.76 19.23 -12.04
CA SER A 217 -26.38 20.57 -11.61
C SER A 217 -25.42 21.34 -12.54
N ASP A 218 -24.82 20.69 -13.54
CA ASP A 218 -23.82 21.30 -14.43
C ASP A 218 -22.53 21.72 -13.67
N THR A 219 -22.19 21.01 -12.58
CA THR A 219 -21.02 21.33 -11.79
C THR A 219 -20.00 20.15 -11.72
N TYR A 220 -18.80 20.44 -11.18
CA TYR A 220 -17.69 19.51 -11.03
C TYR A 220 -17.34 19.32 -9.57
N ALA A 221 -16.88 18.12 -9.22
CA ALA A 221 -16.50 17.84 -7.84
C ALA A 221 -15.32 16.89 -7.71
N CYS A 222 -14.57 16.99 -6.61
CA CYS A 222 -13.50 16.06 -6.27
C CYS A 222 -14.16 14.74 -5.71
N TRP A 223 -13.36 13.73 -5.26
CA TRP A 223 -13.95 12.50 -4.72
C TRP A 223 -14.68 12.78 -3.38
N HIS A 224 -14.34 13.87 -2.66
CA HIS A 224 -14.98 14.19 -1.37
C HIS A 224 -16.34 14.89 -1.47
N HIS A 225 -16.65 15.57 -2.59
CA HIS A 225 -17.89 16.34 -2.70
C HIS A 225 -18.77 15.92 -3.85
N SER A 226 -18.69 14.65 -4.23
CA SER A 226 -19.38 14.15 -5.41
C SER A 226 -20.68 13.37 -5.19
N ILE A 227 -21.28 13.43 -3.99
CA ILE A 227 -22.54 12.69 -3.74
C ILE A 227 -23.64 13.11 -4.72
N GLY A 228 -24.24 12.14 -5.38
CA GLY A 228 -25.24 12.42 -6.41
C GLY A 228 -24.68 12.72 -7.79
N PHE A 229 -23.33 12.74 -7.96
CA PHE A 229 -22.73 12.98 -9.28
C PHE A 229 -22.83 11.74 -10.16
N ASP A 230 -23.01 11.94 -11.47
CA ASP A 230 -23.24 10.82 -12.37
C ASP A 230 -22.12 10.53 -13.35
N TYR A 231 -21.16 11.43 -13.56
CA TYR A 231 -20.09 11.15 -14.53
C TYR A 231 -18.69 11.22 -13.96
N VAL A 232 -17.82 10.28 -14.37
CA VAL A 232 -16.42 10.28 -13.99
C VAL A 232 -15.77 11.32 -14.92
N TYR A 233 -15.08 12.28 -14.33
CA TYR A 233 -14.47 13.37 -15.10
C TYR A 233 -12.94 13.28 -15.18
N ASN A 234 -12.38 13.35 -16.38
CA ASN A 234 -10.94 13.30 -16.63
C ASN A 234 -10.21 12.14 -15.92
N PRO A 235 -10.70 10.89 -16.07
CA PRO A 235 -9.96 9.76 -15.49
C PRO A 235 -8.69 9.51 -16.31
N PHE A 236 -7.79 8.72 -15.73
CA PHE A 236 -6.58 8.30 -16.42
C PHE A 236 -6.67 6.79 -16.58
N MET A 237 -5.90 6.24 -17.50
CA MET A 237 -5.93 4.82 -17.77
C MET A 237 -4.64 4.33 -18.39
N ILE A 238 -4.38 3.04 -18.23
CA ILE A 238 -3.19 2.42 -18.73
C ILE A 238 -3.51 1.00 -19.16
N ASP A 239 -2.99 0.59 -20.33
CA ASP A 239 -3.22 -0.75 -20.84
C ASP A 239 -1.94 -1.56 -20.65
N VAL A 240 -1.95 -2.48 -19.65
CA VAL A 240 -0.88 -3.42 -19.30
C VAL A 240 -0.48 -4.26 -20.52
N GLN A 241 -1.46 -4.62 -21.35
CA GLN A 241 -1.21 -5.40 -22.54
C GLN A 241 -0.22 -4.66 -23.51
N GLN A 242 0.01 -3.35 -23.34
CA GLN A 242 1.01 -2.61 -24.15
C GLN A 242 2.44 -2.83 -23.69
N TRP A 243 2.65 -3.42 -22.53
CA TRP A 243 3.98 -3.61 -21.97
C TRP A 243 4.76 -4.80 -22.57
N GLY A 244 4.17 -5.50 -23.52
CA GLY A 244 4.84 -6.59 -24.22
C GLY A 244 4.81 -7.88 -23.44
N PHE A 245 3.69 -8.58 -23.51
CA PHE A 245 3.52 -9.85 -22.83
C PHE A 245 3.16 -10.94 -23.85
N THR A 246 3.48 -12.18 -23.50
CA THR A 246 3.10 -13.32 -24.33
C THR A 246 2.01 -14.05 -23.58
N GLY A 247 0.95 -14.42 -24.28
CA GLY A 247 -0.16 -15.13 -23.65
C GLY A 247 -1.17 -14.21 -23.00
N ASN A 248 -2.27 -14.81 -22.53
CA ASN A 248 -3.38 -14.10 -21.93
C ASN A 248 -3.11 -13.61 -20.49
N LEU A 249 -4.06 -12.88 -19.91
CA LEU A 249 -3.97 -12.34 -18.55
C LEU A 249 -3.79 -13.43 -17.51
N GLN A 250 -4.64 -14.47 -17.50
CA GLN A 250 -4.55 -15.51 -16.48
C GLN A 250 -3.18 -16.19 -16.48
N SER A 251 -2.61 -16.52 -17.67
CA SER A 251 -1.30 -17.16 -17.72
C SER A 251 -0.16 -16.27 -17.16
N ASN A 252 -0.19 -14.96 -17.43
CA ASN A 252 0.86 -14.07 -16.93
C ASN A 252 0.70 -13.78 -15.43
N HIS A 253 -0.56 -13.63 -14.97
CA HIS A 253 -0.86 -13.37 -13.57
C HIS A 253 -0.48 -14.57 -12.71
N ASP A 254 -0.89 -15.80 -13.14
CA ASP A 254 -0.64 -17.01 -12.37
C ASP A 254 0.83 -17.42 -12.27
N LEU A 255 1.71 -16.79 -13.04
CA LEU A 255 3.15 -17.05 -12.96
C LEU A 255 3.72 -16.55 -11.62
N TYR A 256 3.11 -15.49 -11.06
CA TYR A 256 3.57 -14.80 -9.86
C TYR A 256 2.58 -14.81 -8.71
N CYS A 257 1.32 -15.23 -8.93
CA CYS A 257 0.31 -15.13 -7.88
C CYS A 257 -0.66 -16.29 -7.85
N GLN A 258 -0.86 -16.82 -6.66
CA GLN A 258 -1.78 -17.93 -6.42
C GLN A 258 -2.97 -17.53 -5.50
N VAL A 259 -3.00 -16.29 -5.01
CA VAL A 259 -4.04 -15.78 -4.10
C VAL A 259 -5.32 -15.35 -4.84
N HIS A 260 -5.18 -14.82 -6.05
CA HIS A 260 -6.33 -14.40 -6.84
C HIS A 260 -6.66 -15.49 -7.81
N GLY A 261 -7.91 -15.93 -7.82
CA GLY A 261 -8.35 -16.97 -8.74
C GLY A 261 -9.14 -16.40 -9.90
N ASN A 262 -9.74 -17.27 -10.71
CA ASN A 262 -10.57 -16.81 -11.83
C ASN A 262 -11.89 -17.54 -11.90
N ALA A 263 -12.93 -17.02 -11.26
CA ALA A 263 -14.27 -17.60 -11.33
C ALA A 263 -14.84 -17.51 -12.76
N HIS A 264 -14.40 -16.47 -13.52
CA HIS A 264 -14.77 -16.08 -14.88
C HIS A 264 -15.68 -14.84 -14.90
N VAL A 265 -15.61 -14.01 -13.84
CA VAL A 265 -16.36 -12.76 -13.77
C VAL A 265 -15.41 -11.59 -13.98
N ALA A 266 -15.94 -10.48 -14.46
CA ALA A 266 -15.17 -9.30 -14.80
C ALA A 266 -14.30 -8.76 -13.65
N SER A 267 -14.79 -8.80 -12.40
CA SER A 267 -14.01 -8.31 -11.26
C SER A 267 -12.79 -9.18 -11.00
N CYS A 268 -12.85 -10.49 -11.29
CA CYS A 268 -11.70 -11.39 -11.12
C CYS A 268 -10.56 -10.96 -12.08
N ASP A 269 -10.93 -10.65 -13.32
CA ASP A 269 -9.98 -10.16 -14.31
C ASP A 269 -9.43 -8.78 -13.90
N ALA A 270 -10.30 -7.89 -13.39
CA ALA A 270 -9.90 -6.54 -12.96
C ALA A 270 -8.86 -6.64 -11.82
N ILE A 271 -9.10 -7.55 -10.87
CA ILE A 271 -8.22 -7.82 -9.74
C ILE A 271 -6.86 -8.38 -10.22
N MET A 272 -6.89 -9.40 -11.10
CA MET A 272 -5.69 -10.00 -11.70
C MET A 272 -4.86 -8.96 -12.47
N THR A 273 -5.53 -8.04 -13.18
CA THR A 273 -4.88 -7.00 -13.99
C THR A 273 -4.05 -6.03 -13.11
N ARG A 274 -4.69 -5.46 -12.08
CA ARG A 274 -4.04 -4.58 -11.13
C ARG A 274 -2.92 -5.36 -10.38
N CYS A 275 -3.15 -6.64 -10.01
CA CYS A 275 -2.10 -7.46 -9.36
C CYS A 275 -0.87 -7.63 -10.27
N LEU A 276 -1.09 -7.96 -11.57
CA LEU A 276 0.01 -8.13 -12.51
C LEU A 276 0.77 -6.81 -12.67
N ALA A 277 0.04 -5.68 -12.78
CA ALA A 277 0.64 -4.35 -12.89
C ALA A 277 1.49 -4.05 -11.63
N VAL A 278 0.98 -4.33 -10.42
CA VAL A 278 1.73 -4.15 -9.18
C VAL A 278 3.00 -5.05 -9.18
N HIS A 279 2.90 -6.31 -9.62
CA HIS A 279 4.06 -7.20 -9.71
C HIS A 279 5.14 -6.62 -10.62
N GLU A 280 4.74 -6.11 -11.79
CA GLU A 280 5.71 -5.56 -12.74
C GLU A 280 6.38 -4.28 -12.27
N CYS A 281 5.62 -3.47 -11.54
CA CYS A 281 6.08 -2.15 -11.16
C CYS A 281 6.68 -2.05 -9.78
N PHE A 282 6.34 -2.98 -8.88
CA PHE A 282 6.79 -2.91 -7.49
C PHE A 282 7.43 -4.17 -6.96
N VAL A 283 7.38 -5.28 -7.70
CA VAL A 283 7.96 -6.53 -7.23
C VAL A 283 9.23 -6.86 -7.99
N LYS A 284 9.14 -7.04 -9.32
CA LYS A 284 10.29 -7.32 -10.15
C LYS A 284 11.10 -6.05 -10.49
N ARG A 285 10.49 -4.86 -10.34
CA ARG A 285 11.15 -3.57 -10.54
C ARG A 285 10.87 -2.79 -9.26
N VAL A 286 11.92 -2.24 -8.63
CA VAL A 286 11.75 -1.49 -7.39
C VAL A 286 12.34 -0.11 -7.53
N ASP A 287 11.58 0.92 -7.15
CA ASP A 287 12.09 2.28 -7.20
C ASP A 287 11.84 3.01 -5.89
N TRP A 288 12.87 3.10 -5.05
CA TRP A 288 12.75 3.79 -3.76
C TRP A 288 13.02 5.31 -3.85
N THR A 289 13.27 5.85 -5.04
CA THR A 289 13.49 7.29 -5.22
C THR A 289 12.18 8.06 -5.44
N ILE A 290 11.09 7.37 -5.79
CA ILE A 290 9.80 8.01 -6.00
C ILE A 290 9.19 8.32 -4.64
N GLU A 291 8.84 9.58 -4.44
CA GLU A 291 8.22 10.09 -3.24
C GLU A 291 6.70 10.10 -3.45
N TYR A 292 5.94 9.83 -2.40
CA TYR A 292 4.49 9.80 -2.47
C TYR A 292 3.91 10.79 -1.47
N PRO A 293 2.82 11.50 -1.82
CA PRO A 293 2.26 12.50 -0.88
C PRO A 293 1.81 11.97 0.49
N ILE A 294 1.75 12.88 1.47
CA ILE A 294 1.30 12.57 2.81
C ILE A 294 -0.23 12.58 2.81
N ILE A 295 -0.85 11.42 3.02
CA ILE A 295 -2.31 11.32 3.02
C ILE A 295 -2.91 10.98 4.41
N GLY A 296 -2.07 10.68 5.39
CA GLY A 296 -2.54 10.29 6.70
C GLY A 296 -1.56 10.54 7.83
N ASP A 297 -1.31 9.50 8.63
CA ASP A 297 -0.46 9.59 9.81
C ASP A 297 0.98 9.19 9.58
N GLU A 298 1.47 9.23 8.32
CA GLU A 298 2.84 8.86 7.96
C GLU A 298 3.90 9.35 8.95
N LEU A 299 3.98 10.64 9.18
CA LEU A 299 5.00 11.21 10.06
C LEU A 299 4.94 10.69 11.47
N LYS A 300 3.72 10.55 12.02
CA LYS A 300 3.52 10.06 13.38
C LYS A 300 3.91 8.61 13.50
N ILE A 301 3.52 7.78 12.51
CA ILE A 301 3.83 6.34 12.48
C ILE A 301 5.34 6.13 12.43
N ASN A 302 6.03 6.89 11.57
CA ASN A 302 7.48 6.73 11.42
C ASN A 302 8.23 7.17 12.69
N ALA A 303 7.75 8.24 13.33
CA ALA A 303 8.31 8.76 14.58
C ALA A 303 8.08 7.77 15.72
N ALA A 304 6.90 7.14 15.75
CA ALA A 304 6.51 6.15 16.72
C ALA A 304 7.37 4.90 16.57
N CYS A 305 7.64 4.49 15.33
CA CYS A 305 8.45 3.31 15.03
C CYS A 305 9.87 3.49 15.56
N ARG A 306 10.46 4.70 15.39
CA ARG A 306 11.79 5.02 15.89
C ARG A 306 11.80 5.02 17.44
N LYS A 307 10.70 5.51 18.06
CA LYS A 307 10.60 5.51 19.51
C LYS A 307 10.52 4.10 20.07
N VAL A 308 9.65 3.25 19.51
CA VAL A 308 9.47 1.87 19.97
C VAL A 308 10.74 1.06 19.80
N GLN A 309 11.43 1.22 18.66
CA GLN A 309 12.69 0.54 18.39
C GLN A 309 13.74 0.82 19.44
N HIS A 310 13.97 2.09 19.76
CA HIS A 310 14.94 2.50 20.77
C HIS A 310 14.55 1.90 22.14
N MET A 311 13.29 2.01 22.52
CA MET A 311 12.79 1.51 23.79
C MET A 311 13.01 -0.01 23.92
N VAL A 312 12.61 -0.76 22.88
CA VAL A 312 12.64 -2.19 22.94
C VAL A 312 14.04 -2.74 22.90
N VAL A 313 14.90 -2.16 22.08
CA VAL A 313 16.26 -2.63 21.98
C VAL A 313 17.05 -2.28 23.23
N LYS A 314 16.85 -1.06 23.75
CA LYS A 314 17.52 -0.62 24.98
C LYS A 314 17.18 -1.55 26.15
N ALA A 315 15.90 -1.93 26.29
CA ALA A 315 15.46 -2.79 27.38
C ALA A 315 15.96 -4.18 27.20
N ALA A 316 16.03 -4.70 25.95
CA ALA A 316 16.55 -6.05 25.74
C ALA A 316 18.03 -6.12 26.16
N LEU A 317 18.80 -5.09 25.81
CA LEU A 317 20.20 -5.01 26.17
C LEU A 317 20.37 -4.88 27.69
N LEU A 318 19.51 -4.13 28.38
CA LEU A 318 19.60 -3.99 29.84
C LEU A 318 19.14 -5.24 30.57
N ALA A 319 18.12 -5.94 30.05
CA ALA A 319 17.57 -7.13 30.73
C ALA A 319 18.42 -8.38 30.57
N ASP A 320 19.02 -8.59 29.38
CA ASP A 320 19.78 -9.81 29.17
C ASP A 320 21.27 -9.59 28.92
N LYS A 321 21.75 -8.33 28.91
CA LYS A 321 23.18 -7.99 28.78
C LYS A 321 23.92 -8.74 27.67
N PHE A 322 23.39 -8.73 26.45
CA PHE A 322 24.03 -9.40 25.32
C PHE A 322 25.34 -8.70 25.02
N PRO A 323 26.42 -9.45 24.84
CA PRO A 323 27.71 -8.81 24.49
C PRO A 323 27.74 -8.32 23.05
N VAL A 324 26.95 -8.92 22.14
CA VAL A 324 26.95 -8.54 20.73
C VAL A 324 25.53 -8.47 20.15
N LEU A 325 25.27 -7.51 19.27
CA LEU A 325 24.00 -7.35 18.59
C LEU A 325 24.26 -7.40 17.07
N HIS A 326 23.54 -8.26 16.34
CA HIS A 326 23.66 -8.39 14.88
C HIS A 326 22.45 -7.71 14.29
N ASP A 327 22.67 -6.54 13.68
CA ASP A 327 21.62 -5.71 13.13
C ASP A 327 21.48 -6.04 11.65
N ILE A 328 20.46 -6.83 11.29
CA ILE A 328 20.26 -7.27 9.92
C ILE A 328 19.11 -6.54 9.25
N GLY A 329 19.41 -5.84 8.16
CA GLY A 329 18.39 -5.12 7.44
C GLY A 329 18.93 -3.95 6.66
N ASN A 330 18.18 -2.85 6.63
CA ASN A 330 18.54 -1.65 5.88
C ASN A 330 20.02 -1.28 5.88
N PRO A 331 20.68 -1.24 4.71
CA PRO A 331 22.10 -0.87 4.69
C PRO A 331 22.39 0.57 5.18
N LYS A 332 21.36 1.41 5.27
CA LYS A 332 21.53 2.75 5.82
C LYS A 332 21.19 2.87 7.31
N ALA A 333 21.02 1.73 8.02
CA ALA A 333 20.69 1.75 9.45
C ALA A 333 21.74 2.39 10.33
N ILE A 334 21.27 3.04 11.38
CA ILE A 334 22.06 3.71 12.40
C ILE A 334 21.78 2.98 13.72
N LYS A 335 22.72 3.03 14.70
CA LYS A 335 22.51 2.39 16.01
C LYS A 335 21.29 3.04 16.69
N CYS A 336 20.27 2.23 17.01
CA CYS A 336 19.06 2.78 17.63
C CYS A 336 19.23 3.07 19.12
N VAL A 337 20.27 2.52 19.76
CA VAL A 337 20.62 2.76 21.16
C VAL A 337 22.10 3.14 21.16
N PRO A 338 22.44 4.38 20.72
CA PRO A 338 23.85 4.74 20.57
C PRO A 338 24.72 4.68 21.84
N GLN A 339 24.12 4.83 23.02
CA GLN A 339 24.91 4.78 24.24
C GLN A 339 25.14 3.36 24.77
N ALA A 340 24.46 2.33 24.23
CA ALA A 340 24.61 0.94 24.72
C ALA A 340 26.04 0.40 24.64
N ASP A 341 26.43 -0.43 25.62
CA ASP A 341 27.76 -1.00 25.73
C ASP A 341 28.14 -2.01 24.64
N VAL A 342 27.14 -2.76 24.19
CA VAL A 342 27.16 -3.84 23.21
C VAL A 342 28.02 -3.59 21.93
N GLU A 343 28.56 -4.69 21.40
CA GLU A 343 29.31 -4.68 20.16
C GLU A 343 28.23 -4.68 19.07
N TRP A 344 28.08 -3.55 18.36
CA TRP A 344 27.05 -3.43 17.34
C TRP A 344 27.60 -3.78 15.96
N LYS A 345 27.06 -4.83 15.33
CA LYS A 345 27.52 -5.27 14.01
C LYS A 345 26.38 -5.23 13.02
N PHE A 346 26.59 -4.54 11.90
CA PHE A 346 25.61 -4.37 10.82
C PHE A 346 25.80 -5.32 9.64
N TYR A 347 24.67 -5.76 9.08
CA TYR A 347 24.58 -6.66 7.94
C TYR A 347 23.52 -6.05 7.01
N ASP A 348 23.87 -5.89 5.74
CA ASP A 348 23.03 -5.24 4.73
C ASP A 348 22.06 -6.16 4.00
N ALA A 349 20.81 -5.79 4.04
CA ALA A 349 19.75 -6.45 3.32
C ALA A 349 18.68 -5.42 3.02
N GLN A 350 18.45 -5.15 1.75
CA GLN A 350 17.43 -4.23 1.31
C GLN A 350 16.03 -4.83 1.59
N PRO A 351 14.97 -4.00 1.68
CA PRO A 351 13.64 -4.57 1.90
C PRO A 351 13.25 -5.56 0.80
N CYS A 352 12.91 -6.81 1.15
CA CYS A 352 12.53 -7.78 0.12
C CYS A 352 11.11 -7.45 -0.32
N SER A 353 10.88 -7.47 -1.62
CA SER A 353 9.57 -7.16 -2.19
C SER A 353 8.87 -8.38 -2.81
N ASP A 354 9.63 -9.46 -3.07
CA ASP A 354 9.09 -10.65 -3.70
C ASP A 354 8.78 -11.70 -2.61
N LYS A 355 9.73 -12.58 -2.26
CA LYS A 355 9.51 -13.54 -1.17
C LYS A 355 10.38 -13.13 0.02
N ALA A 356 9.99 -13.55 1.25
CA ALA A 356 10.79 -13.27 2.44
C ALA A 356 12.17 -13.91 2.30
N TYR A 357 13.23 -13.29 2.82
CA TYR A 357 14.57 -13.86 2.75
C TYR A 357 14.65 -15.21 3.43
N LYS A 358 15.45 -16.13 2.89
CA LYS A 358 15.66 -17.40 3.58
C LYS A 358 16.77 -17.15 4.61
N ILE A 359 16.54 -17.51 5.89
CA ILE A 359 17.54 -17.30 6.94
C ILE A 359 18.87 -18.04 6.59
N GLU A 360 18.79 -19.16 5.84
CA GLU A 360 19.96 -19.91 5.45
C GLU A 360 20.86 -19.07 4.53
N GLU A 361 20.27 -18.22 3.67
CA GLU A 361 21.08 -17.40 2.77
C GLU A 361 21.62 -16.14 3.47
N LEU A 362 20.88 -15.58 4.45
CA LEU A 362 21.38 -14.41 5.16
C LEU A 362 22.54 -14.78 6.08
N PHE A 363 22.46 -15.94 6.73
CA PHE A 363 23.44 -16.35 7.72
C PHE A 363 24.50 -17.31 7.28
N TYR A 364 24.22 -18.15 6.26
CA TYR A 364 25.19 -19.19 5.89
C TYR A 364 25.90 -18.87 4.56
N SER A 365 26.78 -19.78 4.11
CA SER A 365 27.70 -19.65 2.98
C SER A 365 28.99 -18.89 3.45
N TYR A 366 29.35 -19.08 4.76
CA TYR A 366 30.47 -18.51 5.50
C TYR A 366 30.47 -16.99 5.53
N HIS A 369 31.90 -10.64 8.75
CA HIS A 369 30.76 -11.14 9.53
C HIS A 369 31.22 -11.64 10.89
N SER A 370 30.35 -11.53 11.91
CA SER A 370 30.67 -12.14 13.20
C SER A 370 30.72 -13.68 13.05
N ASP A 371 29.95 -14.23 12.03
CA ASP A 371 29.78 -15.64 11.67
C ASP A 371 28.88 -16.33 12.70
N LYS A 372 29.09 -16.02 13.99
CA LYS A 372 28.31 -16.55 15.09
C LYS A 372 27.08 -15.68 15.38
N PHE A 373 26.03 -15.82 14.56
CA PHE A 373 24.77 -15.12 14.80
C PHE A 373 24.07 -15.67 16.06
N THR A 374 24.44 -16.88 16.53
CA THR A 374 23.95 -17.51 17.76
C THR A 374 24.48 -16.79 19.01
N ASP A 375 25.56 -15.99 18.90
CA ASP A 375 26.08 -15.21 20.01
C ASP A 375 25.23 -13.92 20.13
N GLY A 376 24.84 -13.58 21.34
CA GLY A 376 24.09 -12.35 21.61
C GLY A 376 22.70 -12.34 21.00
N VAL A 377 22.32 -11.20 20.40
CA VAL A 377 20.98 -11.05 19.88
C VAL A 377 20.96 -10.54 18.43
N CYS A 378 19.94 -10.94 17.67
CA CYS A 378 19.73 -10.56 16.30
C CYS A 378 18.59 -9.57 16.26
N LEU A 379 18.78 -8.45 15.59
CA LEU A 379 17.73 -7.44 15.48
C LEU A 379 17.27 -7.41 14.02
N PHE A 380 15.99 -7.74 13.77
CA PHE A 380 15.41 -7.72 12.41
C PHE A 380 14.30 -6.68 12.38
N TRP A 381 14.64 -5.42 12.12
CA TRP A 381 13.66 -4.34 12.11
C TRP A 381 13.23 -4.12 10.67
N ASN A 382 12.05 -4.67 10.34
CA ASN A 382 11.47 -4.70 9.00
C ASN A 382 12.35 -5.46 8.03
N CYS A 383 13.01 -6.54 8.49
CA CYS A 383 13.79 -7.39 7.61
C CYS A 383 13.02 -8.71 7.57
N ASN A 384 12.18 -8.89 6.54
CA ASN A 384 11.27 -10.02 6.43
C ASN A 384 11.96 -11.33 6.10
N VAL A 385 12.06 -12.25 7.07
CA VAL A 385 12.73 -13.54 6.83
C VAL A 385 11.71 -14.69 6.99
N ASP A 386 12.01 -15.86 6.44
CA ASP A 386 11.12 -17.01 6.50
C ASP A 386 10.94 -17.61 7.93
N ARG A 387 12.00 -17.57 8.73
CA ARG A 387 11.97 -18.15 10.07
C ARG A 387 13.04 -17.48 10.88
N TYR A 388 12.63 -16.69 11.85
CA TYR A 388 13.57 -15.98 12.69
C TYR A 388 14.28 -16.91 13.68
N PRO A 389 15.57 -16.66 13.93
CA PRO A 389 16.26 -17.42 14.97
C PRO A 389 15.67 -17.07 16.36
N ALA A 390 15.83 -17.99 17.33
CA ALA A 390 15.32 -17.83 18.69
C ALA A 390 15.85 -16.59 19.40
N ASN A 391 17.12 -16.21 19.18
CA ASN A 391 17.69 -15.01 19.85
C ASN A 391 17.39 -13.71 19.05
N SER A 392 16.11 -13.43 18.75
CA SER A 392 15.75 -12.26 17.95
C SER A 392 14.85 -11.26 18.59
N ILE A 393 14.95 -10.00 18.12
CA ILE A 393 14.09 -8.84 18.39
C ILE A 393 13.57 -8.52 16.98
N VAL A 394 12.25 -8.57 16.77
CA VAL A 394 11.68 -8.42 15.44
C VAL A 394 10.52 -7.45 15.32
N CYS A 395 10.54 -6.63 14.29
CA CYS A 395 9.44 -5.81 13.85
C CYS A 395 9.08 -6.31 12.43
N ARG A 396 7.88 -6.87 12.29
CA ARG A 396 7.42 -7.40 11.01
C ARG A 396 6.10 -6.75 10.62
N PHE A 397 6.04 -6.10 9.45
CA PHE A 397 4.81 -5.48 8.97
C PHE A 397 3.78 -6.56 8.62
N ASP A 398 2.56 -6.44 9.19
CA ASP A 398 1.47 -7.36 8.92
C ASP A 398 0.75 -6.85 7.69
N THR A 399 0.91 -7.57 6.57
CA THR A 399 0.34 -7.20 5.29
C THR A 399 -1.19 -7.20 5.27
N ARG A 400 -1.84 -7.93 6.19
CA ARG A 400 -3.30 -8.03 6.25
C ARG A 400 -4.00 -6.78 6.74
N VAL A 401 -3.26 -5.85 7.37
CA VAL A 401 -3.85 -4.65 7.96
C VAL A 401 -4.64 -3.77 6.97
N LEU A 402 -5.83 -3.28 7.42
CA LEU A 402 -6.64 -2.37 6.63
C LEU A 402 -6.30 -0.92 7.00
N SER A 403 -5.80 -0.14 6.02
CA SER A 403 -5.48 1.28 6.16
C SER A 403 -5.35 1.99 4.79
N ASN A 404 -5.33 3.32 4.80
CA ASN A 404 -5.11 4.11 3.59
C ASN A 404 -3.64 4.06 3.12
N LEU A 405 -2.71 3.60 3.97
CA LEU A 405 -1.31 3.48 3.59
C LEU A 405 -0.99 2.14 2.89
N ASN A 406 -1.73 1.10 3.25
CA ASN A 406 -1.52 -0.26 2.79
C ASN A 406 -2.48 -0.66 1.68
N LEU A 407 -1.94 -0.84 0.49
CA LEU A 407 -2.74 -1.20 -0.67
C LEU A 407 -2.62 -2.71 -0.92
N PRO A 408 -3.67 -3.33 -1.49
CA PRO A 408 -3.58 -4.76 -1.84
C PRO A 408 -2.43 -5.03 -2.81
N GLY A 409 -1.75 -6.14 -2.61
CA GLY A 409 -0.59 -6.50 -3.41
C GLY A 409 -0.67 -7.82 -4.13
N CYS A 410 0.50 -8.38 -4.45
N CYS A 410 0.50 -8.41 -4.43
CA CYS A 410 0.68 -9.59 -5.26
CA CYS A 410 0.63 -9.65 -5.18
C CYS A 410 1.02 -10.82 -4.43
C CYS A 410 0.90 -10.83 -4.32
N ASP A 411 0.33 -11.96 -4.69
CA ASP A 411 0.55 -13.23 -3.99
C ASP A 411 0.41 -13.15 -2.44
N GLY A 412 -0.58 -12.42 -1.96
CA GLY A 412 -0.79 -12.27 -0.52
C GLY A 412 -0.05 -11.09 0.09
N GLY A 413 0.93 -10.56 -0.62
CA GLY A 413 1.68 -9.40 -0.17
C GLY A 413 0.86 -8.14 -0.30
N SER A 414 1.36 -7.07 0.30
CA SER A 414 0.69 -5.78 0.24
C SER A 414 1.70 -4.72 -0.17
N LEU A 415 1.21 -3.60 -0.72
CA LEU A 415 2.04 -2.50 -1.13
C LEU A 415 1.93 -1.43 -0.09
N TYR A 416 2.96 -1.29 0.75
CA TYR A 416 2.89 -0.29 1.84
C TYR A 416 3.45 1.01 1.36
N VAL A 417 2.62 2.06 1.33
CA VAL A 417 3.04 3.33 0.77
C VAL A 417 3.07 4.44 1.81
N ASN A 418 4.26 4.73 2.29
CA ASN A 418 4.50 5.73 3.32
C ASN A 418 5.82 6.37 2.90
N LYS A 419 5.74 7.58 2.28
CA LYS A 419 6.85 8.33 1.67
C LYS A 419 7.35 7.60 0.42
N HIS A 420 7.74 6.34 0.55
CA HIS A 420 8.15 5.50 -0.57
C HIS A 420 7.24 4.26 -0.64
N ALA A 421 7.23 3.57 -1.79
CA ALA A 421 6.42 2.35 -1.94
C ALA A 421 7.25 1.10 -1.66
N PHE A 422 6.73 0.21 -0.80
CA PHE A 422 7.40 -1.02 -0.41
C PHE A 422 6.46 -2.20 -0.54
N HIS A 423 6.62 -3.02 -1.60
CA HIS A 423 5.83 -4.25 -1.70
C HIS A 423 6.41 -5.20 -0.65
N THR A 424 5.56 -5.72 0.24
CA THR A 424 5.98 -6.56 1.36
C THR A 424 5.41 -7.94 1.16
N PRO A 425 6.24 -8.98 1.28
CA PRO A 425 5.71 -10.35 1.14
C PRO A 425 4.68 -10.71 2.19
N ALA A 426 3.76 -11.61 1.88
CA ALA A 426 2.70 -12.02 2.79
C ALA A 426 3.16 -12.34 4.20
N PHE A 427 2.43 -11.76 5.19
CA PHE A 427 2.63 -12.04 6.60
C PHE A 427 2.39 -13.57 6.82
N ASP A 428 3.28 -14.20 7.57
CA ASP A 428 3.26 -15.64 7.79
C ASP A 428 3.56 -15.87 9.26
N LYS A 429 2.56 -16.32 10.04
CA LYS A 429 2.69 -16.55 11.48
C LYS A 429 3.78 -17.59 11.82
N SER A 430 4.04 -18.53 10.92
CA SER A 430 5.05 -19.55 11.15
C SER A 430 6.48 -19.00 11.20
N ALA A 431 6.72 -17.78 10.68
CA ALA A 431 8.06 -17.18 10.75
C ALA A 431 8.50 -16.92 12.20
N PHE A 432 7.53 -16.80 13.11
CA PHE A 432 7.74 -16.45 14.51
C PHE A 432 7.65 -17.60 15.50
N VAL A 433 7.73 -18.86 15.04
CA VAL A 433 7.65 -20.03 15.94
C VAL A 433 8.69 -20.07 17.06
N ASN A 434 9.90 -19.51 16.86
CA ASN A 434 10.92 -19.50 17.90
C ASN A 434 10.83 -18.32 18.89
N LEU A 435 9.87 -17.42 18.67
CA LEU A 435 9.74 -16.22 19.45
C LEU A 435 8.33 -16.12 20.10
N LYS A 436 8.08 -15.03 20.78
CA LYS A 436 6.77 -14.74 21.35
C LYS A 436 6.44 -13.29 21.00
N GLN A 437 5.18 -12.90 21.12
CA GLN A 437 4.77 -11.53 20.90
C GLN A 437 5.39 -10.66 22.01
N LEU A 438 5.90 -9.49 21.63
CA LEU A 438 6.51 -8.60 22.60
C LEU A 438 5.39 -7.88 23.35
N PRO A 439 5.35 -7.97 24.69
CA PRO A 439 4.30 -7.24 25.43
C PRO A 439 4.59 -5.75 25.49
N PHE A 440 3.53 -4.93 25.66
CA PHE A 440 3.72 -3.49 25.82
C PHE A 440 4.40 -3.22 27.19
N PHE A 441 5.30 -2.26 27.20
CA PHE A 441 5.93 -1.80 28.44
C PHE A 441 6.59 -0.47 28.12
N TYR A 442 6.75 0.33 29.15
CA TYR A 442 7.47 1.59 29.03
C TYR A 442 8.64 1.50 30.03
N TYR A 443 9.85 1.83 29.61
CA TYR A 443 11.00 1.78 30.51
C TYR A 443 11.68 3.14 30.46
N SER A 444 12.11 3.64 31.61
CA SER A 444 12.87 4.88 31.67
C SER A 444 13.78 4.95 32.91
N ASP A 445 15.03 5.34 32.67
CA ASP A 445 16.03 5.57 33.72
C ASP A 445 16.32 7.09 33.90
N SER A 446 15.59 7.96 33.19
CA SER A 446 15.75 9.41 33.28
C SER A 446 15.32 9.93 34.65
N PRO A 447 15.92 11.04 35.13
CA PRO A 447 15.53 11.57 36.44
C PRO A 447 14.04 11.93 36.55
N CYS A 448 13.47 11.75 37.75
CA CYS A 448 12.08 12.13 37.99
C CYS A 448 12.07 13.65 38.20
N GLU A 449 11.68 14.41 37.18
CA GLU A 449 11.65 15.88 37.24
C GLU A 449 10.77 16.42 36.11
N SER A 450 9.71 17.16 36.50
CA SER A 450 8.66 17.71 35.62
C SER A 450 9.16 18.71 34.53
N HIS A 451 9.64 19.92 34.92
CA HIS A 451 10.10 20.97 34.01
C HIS A 451 9.03 21.49 33.02
N GLY A 452 8.62 22.73 33.20
CA GLY A 452 7.66 23.38 32.30
C GLY A 452 6.20 23.24 32.70
N ILE A 459 -1.94 20.78 28.61
CA ILE A 459 -1.45 19.58 29.29
C ILE A 459 -1.84 19.60 30.78
N ASP A 460 -2.58 18.59 31.24
CA ASP A 460 -2.98 18.51 32.65
C ASP A 460 -2.66 17.10 33.28
N TYR A 461 -3.17 16.78 34.51
CA TYR A 461 -2.80 15.52 35.15
C TYR A 461 -3.88 14.82 36.01
N VAL A 462 -3.90 13.47 35.91
CA VAL A 462 -4.67 12.48 36.68
C VAL A 462 -3.61 11.42 37.04
N PRO A 463 -3.46 11.05 38.32
CA PRO A 463 -2.38 10.12 38.70
C PRO A 463 -2.35 8.80 37.93
N LEU A 464 -1.16 8.40 37.45
CA LEU A 464 -1.04 7.15 36.70
C LEU A 464 -0.73 5.97 37.62
N LYS A 465 -1.46 4.87 37.44
CA LYS A 465 -1.22 3.60 38.11
C LYS A 465 -1.06 2.55 37.00
N SER A 466 0.14 1.97 36.87
CA SER A 466 0.36 0.93 35.86
C SER A 466 1.46 -0.03 36.24
N ALA A 467 1.22 -1.32 36.07
CA ALA A 467 2.26 -2.33 36.32
C ALA A 467 3.33 -2.31 35.21
N THR A 468 3.05 -1.70 34.04
CA THR A 468 3.96 -1.66 32.90
C THR A 468 4.73 -0.32 32.78
N CYS A 469 4.70 0.52 33.82
CA CYS A 469 5.48 1.76 33.81
C CYS A 469 6.76 1.41 34.59
N ILE A 470 7.81 1.01 33.90
CA ILE A 470 9.03 0.55 34.57
C ILE A 470 10.01 1.73 34.82
N THR A 471 9.83 2.36 35.98
CA THR A 471 10.58 3.54 36.41
C THR A 471 10.90 3.45 37.91
N ARG A 472 11.93 4.21 38.35
CA ARG A 472 12.35 4.35 39.74
C ARG A 472 11.20 4.77 40.61
N CYS A 473 10.36 5.70 40.14
CA CYS A 473 9.22 6.20 40.88
C CYS A 473 8.16 5.14 41.09
N ASN A 474 7.92 4.28 40.10
CA ASN A 474 6.96 3.18 40.22
C ASN A 474 7.51 2.03 41.09
N LEU A 475 8.83 1.83 41.06
CA LEU A 475 9.50 0.88 41.97
C LEU A 475 9.30 1.41 43.41
N GLY A 476 9.49 2.72 43.59
CA GLY A 476 9.31 3.43 44.85
C GLY A 476 7.87 3.62 45.29
N GLY A 477 6.91 3.09 44.54
CA GLY A 477 5.51 3.12 44.92
C GLY A 477 4.58 4.17 44.34
N ALA A 478 5.09 5.16 43.58
CA ALA A 478 4.22 6.24 43.06
C ALA A 478 4.81 6.96 41.81
N VAL A 479 4.21 6.74 40.63
CA VAL A 479 4.67 7.35 39.39
C VAL A 479 4.65 8.89 39.43
N CYS A 480 5.80 9.50 39.14
CA CYS A 480 5.95 10.95 39.11
C CYS A 480 5.25 11.53 37.86
N ARG A 481 4.95 12.84 37.85
CA ARG A 481 4.26 13.48 36.75
C ARG A 481 4.98 13.33 35.40
N HIS A 482 6.31 13.55 35.40
CA HIS A 482 7.11 13.46 34.20
C HIS A 482 7.02 12.05 33.57
N HIS A 483 7.23 10.99 34.39
CA HIS A 483 7.18 9.64 33.85
C HIS A 483 5.76 9.23 33.45
N ALA A 484 4.72 9.84 34.07
CA ALA A 484 3.32 9.59 33.70
C ALA A 484 3.03 10.23 32.34
N ASN A 485 3.54 11.45 32.08
CA ASN A 485 3.36 12.16 30.80
C ASN A 485 4.10 11.41 29.71
N GLU A 486 5.34 10.95 30.02
CA GLU A 486 6.19 10.21 29.09
C GLU A 486 5.62 8.84 28.79
N TYR A 487 4.95 8.22 29.77
CA TYR A 487 4.34 6.90 29.63
C TYR A 487 3.14 7.03 28.68
N ARG A 488 2.31 8.04 28.90
CA ARG A 488 1.11 8.23 28.07
C ARG A 488 1.44 8.55 26.64
N LEU A 489 2.50 9.33 26.42
CA LEU A 489 2.96 9.64 25.07
C LEU A 489 3.53 8.40 24.38
N TYR A 490 4.30 7.56 25.12
CA TYR A 490 4.85 6.32 24.56
C TYR A 490 3.76 5.30 24.26
N LEU A 491 2.75 5.19 25.13
CA LEU A 491 1.64 4.28 24.88
C LEU A 491 0.88 4.70 23.58
N ASP A 492 0.75 6.02 23.35
CA ASP A 492 0.10 6.54 22.16
C ASP A 492 0.88 6.16 20.92
N ALA A 493 2.21 6.35 20.94
CA ALA A 493 3.13 6.03 19.84
C ALA A 493 3.07 4.53 19.54
N TYR A 494 3.07 3.71 20.58
CA TYR A 494 3.00 2.27 20.47
C TYR A 494 1.71 1.82 19.78
N ASN A 495 0.56 2.36 20.20
CA ASN A 495 -0.77 2.03 19.66
C ASN A 495 -0.90 2.44 18.20
N MET A 496 -0.27 3.55 17.82
CA MET A 496 -0.25 4.10 16.49
C MET A 496 0.52 3.11 15.58
N MET A 497 1.69 2.68 16.03
CA MET A 497 2.55 1.74 15.32
C MET A 497 1.85 0.39 15.07
N ILE A 498 1.23 -0.18 16.11
CA ILE A 498 0.52 -1.45 16.05
C ILE A 498 -0.68 -1.34 15.10
N SER A 499 -1.47 -0.29 15.25
CA SER A 499 -2.64 -0.05 14.42
C SER A 499 -2.27 0.22 12.96
N ALA A 500 -1.06 0.78 12.69
CA ALA A 500 -0.56 0.97 11.33
C ALA A 500 -0.25 -0.38 10.65
N GLY A 501 -0.08 -1.47 11.43
CA GLY A 501 0.17 -2.80 10.90
C GLY A 501 1.41 -3.51 11.38
N PHE A 502 2.30 -2.80 12.10
CA PHE A 502 3.54 -3.38 12.56
C PHE A 502 3.32 -4.34 13.71
N SER A 503 4.03 -5.47 13.71
CA SER A 503 3.94 -6.46 14.79
C SER A 503 5.33 -6.64 15.41
N LEU A 504 5.37 -6.82 16.72
CA LEU A 504 6.61 -6.94 17.49
C LEU A 504 6.72 -8.30 18.16
N TRP A 505 7.90 -8.91 17.98
CA TRP A 505 8.23 -10.26 18.45
C TRP A 505 9.60 -10.25 19.14
N VAL A 506 9.77 -11.11 20.14
CA VAL A 506 11.00 -11.14 20.92
C VAL A 506 11.35 -12.58 21.39
N TYR A 507 12.65 -12.79 21.73
CA TYR A 507 13.14 -14.05 22.28
C TYR A 507 12.34 -14.44 23.54
N LYS A 508 11.98 -15.75 23.66
CA LYS A 508 11.12 -16.24 24.74
C LYS A 508 11.59 -15.90 26.16
N GLN A 509 12.89 -15.73 26.38
CA GLN A 509 13.40 -15.41 27.72
C GLN A 509 13.21 -13.95 28.13
N PHE A 510 12.79 -13.07 27.21
CA PHE A 510 12.56 -11.66 27.52
C PHE A 510 11.56 -11.49 28.65
N ASP A 511 11.98 -10.81 29.72
CA ASP A 511 11.14 -10.60 30.89
C ASP A 511 11.43 -9.22 31.42
N THR A 512 10.40 -8.35 31.45
CA THR A 512 10.55 -6.99 31.98
C THR A 512 10.82 -6.95 33.50
N TYR A 513 10.62 -8.08 34.21
CA TYR A 513 10.94 -8.18 35.64
C TYR A 513 12.45 -7.93 35.85
N ASN A 514 13.28 -8.29 34.83
CA ASN A 514 14.71 -8.07 34.85
C ASN A 514 15.10 -6.58 34.74
N LEU A 515 14.16 -5.70 34.38
CA LEU A 515 14.44 -4.26 34.29
C LEU A 515 14.38 -3.51 35.64
N TRP A 516 13.67 -4.03 36.64
CA TRP A 516 13.57 -3.34 37.95
C TRP A 516 14.91 -3.19 38.68
N ASN A 517 15.81 -4.20 38.53
CA ASN A 517 17.14 -4.18 39.15
C ASN A 517 18.14 -3.24 38.47
N THR A 518 17.75 -2.53 37.41
CA THR A 518 18.61 -1.48 36.83
C THR A 518 18.44 -0.14 37.66
N PHE A 519 17.66 -0.17 38.77
CA PHE A 519 17.41 0.94 39.66
C PHE A 519 17.94 0.55 41.07
N THR A 520 19.28 0.57 41.24
CA THR A 520 19.91 0.19 42.51
C THR A 520 20.89 1.24 43.04
ZN ZN B . -2.79 -11.79 -7.99
ZN ZN C . 9.49 9.31 37.74
ZN ZN D . -14.05 19.09 -3.30
P PO4 E . -1.71 10.39 -6.20
O1 PO4 E . -2.79 11.27 -5.49
O2 PO4 E . -0.78 9.65 -5.13
O3 PO4 E . -0.82 11.42 -7.04
O4 PO4 E . -2.43 9.29 -7.09
P PO4 F . 12.32 9.51 28.80
O1 PO4 F . 12.26 10.80 29.70
O2 PO4 F . 13.30 8.41 29.42
O3 PO4 F . 10.86 8.86 28.62
O4 PO4 F . 12.87 9.93 27.35
N1 LGR G . -5.00 13.10 -0.57
C4 LGR G . -4.38 13.70 -1.73
C5 LGR G . -3.22 13.13 -2.27
C6 LGR G . -2.60 13.71 -3.35
C7 LGR G . -3.14 14.83 -3.95
C8 LGR G . -4.27 15.41 -3.42
C10 LGR G . -6.16 15.53 -1.83
C1 LGR G . -5.79 11.89 -0.76
C2 LGR G . -4.88 13.60 0.70
O1 LGR G . -5.61 13.21 1.60
C3 LGR G . -3.83 14.62 0.95
C9 LGR G . -4.95 14.84 -2.35
O2 LGR G . -7.23 14.88 -1.76
O3 LGR G . -6.03 16.71 -1.44
#